data_7LWH
#
_entry.id   7LWH
#
_cell.length_a   52.241
_cell.length_b   84.241
_cell.length_c   95.859
_cell.angle_alpha   90
_cell.angle_beta   90
_cell.angle_gamma   90
#
_symmetry.space_group_name_H-M   'P 21 21 21'
#
loop_
_entity.id
_entity.type
_entity.pdbx_description
1 polymer Merlin
2 polymer 'Serine/threonine-protein kinase LATS1'
3 non-polymer IMIDAZOLE
4 non-polymer GLYCEROL
5 water water
#
loop_
_entity_poly.entity_id
_entity_poly.type
_entity_poly.pdbx_seq_one_letter_code
_entity_poly.pdbx_strand_id
1 'polypeptide(L)'
;MAGAIASRMSFSSLKRKQPKTFTVRIVTMDAEMEFNCEMKWKGKDLFDLVCRTLGLRETWFFGLQYTIKDTVAWLKMDKK
VLDHDVSKEEPVTFHFLAKFYPENAEEELVQEITQHLFFLQVKKQILDEKIYCPPEASVLLASYAVQAKYGDYDPSVHKR
GFLAQEELLPKRVINLYQMTPEMWEERITVWYAEHRGRARDEAEMEYLKIAQDLEMYGVNYFAIRNKKGTELLLGVDALG
LHIYDPENRLTPKISFPWNEIRNISYSDKEFTIKPLDKKIDVFKFNSSKLRVNKLILQLCIENHDLFMRRRKADSLEVQQ
MKAQAREEKARKQMERQRL
;
A
2 'polypeptide(L)' PKFGTHHKALQEIRNSLLPFANE B
#
# COMPACT_ATOMS: atom_id res chain seq x y z
N THR A 23 28.22 4.97 -7.19
CA THR A 23 27.52 5.44 -6.00
C THR A 23 26.01 5.27 -6.15
N VAL A 24 25.40 4.44 -5.31
CA VAL A 24 23.95 4.20 -5.36
C VAL A 24 23.18 4.89 -4.23
N ARG A 25 22.13 5.65 -4.57
CA ARG A 25 21.26 6.34 -3.61
C ARG A 25 19.97 5.52 -3.40
N ILE A 26 19.64 5.19 -2.15
CA ILE A 26 18.42 4.43 -1.84
C ILE A 26 17.45 5.32 -1.08
N VAL A 27 16.28 5.58 -1.64
CA VAL A 27 15.27 6.42 -0.99
C VAL A 27 14.13 5.57 -0.38
N THR A 28 14.01 5.54 0.95
CA THR A 28 12.88 4.87 1.64
C THR A 28 11.78 5.95 1.88
N MET A 29 10.64 5.57 2.47
CA MET A 29 9.58 6.55 2.74
C MET A 29 10.02 7.67 3.71
N ASP A 30 11.04 7.42 4.57
CA ASP A 30 11.46 8.47 5.50
C ASP A 30 12.96 8.74 5.58
N ALA A 31 13.76 8.04 4.76
CA ALA A 31 15.22 8.21 4.84
C ALA A 31 15.90 8.06 3.48
N GLU A 32 17.12 8.61 3.36
CA GLU A 32 17.91 8.48 2.14
C GLU A 32 19.26 7.92 2.55
N MET A 33 19.67 6.81 1.92
CA MET A 33 20.94 6.18 2.24
C MET A 33 21.86 6.18 1.03
N GLU A 34 23.17 6.11 1.27
CA GLU A 34 24.14 6.04 0.19
C GLU A 34 25.01 4.80 0.39
N PHE A 35 25.18 4.01 -0.67
CA PHE A 35 25.96 2.77 -0.57
C PHE A 35 27.10 2.72 -1.59
N ASN A 36 28.23 2.14 -1.18
CA ASN A 36 29.39 1.96 -2.06
C ASN A 36 29.22 0.62 -2.75
N CYS A 37 28.34 0.57 -3.75
CA CYS A 37 28.01 -0.63 -4.51
C CYS A 37 29.16 -1.15 -5.35
N GLU A 38 29.38 -2.47 -5.32
CA GLU A 38 30.44 -3.09 -6.12
C GLU A 38 30.03 -3.18 -7.59
N MET A 39 31.03 -3.17 -8.49
CA MET A 39 30.81 -3.23 -9.93
C MET A 39 30.18 -4.54 -10.40
N LYS A 40 30.61 -5.67 -9.82
CA LYS A 40 30.07 -6.98 -10.20
C LYS A 40 28.94 -7.43 -9.27
N TRP A 41 28.14 -6.49 -8.76
CA TRP A 41 27.04 -6.80 -7.87
C TRP A 41 25.70 -6.92 -8.60
N LYS A 42 24.90 -7.90 -8.21
CA LYS A 42 23.56 -8.12 -8.77
C LYS A 42 22.48 -7.48 -7.87
N GLY A 43 21.25 -7.38 -8.37
CA GLY A 43 20.12 -6.81 -7.63
C GLY A 43 19.94 -7.37 -6.23
N LYS A 44 20.13 -8.69 -6.09
CA LYS A 44 20.05 -9.40 -4.82
C LYS A 44 21.05 -8.88 -3.79
N ASP A 45 22.28 -8.57 -4.23
CA ASP A 45 23.32 -8.06 -3.33
C ASP A 45 23.00 -6.69 -2.77
N LEU A 46 22.51 -5.79 -3.63
CA LEU A 46 22.15 -4.44 -3.20
C LEU A 46 20.91 -4.50 -2.32
N PHE A 47 19.90 -5.28 -2.71
CA PHE A 47 18.66 -5.41 -1.94
C PHE A 47 18.92 -5.94 -0.54
N ASP A 48 19.75 -7.01 -0.43
CA ASP A 48 20.09 -7.61 0.86
C ASP A 48 20.82 -6.63 1.76
N LEU A 49 21.71 -5.80 1.20
CA LEU A 49 22.43 -4.79 1.97
C LEU A 49 21.47 -3.77 2.55
N VAL A 50 20.52 -3.29 1.73
CA VAL A 50 19.52 -2.31 2.16
C VAL A 50 18.68 -2.88 3.30
N CYS A 51 18.16 -4.11 3.12
CA CYS A 51 17.35 -4.73 4.15
C CYS A 51 18.14 -4.96 5.45
N ARG A 52 19.44 -5.36 5.35
CA ARG A 52 20.28 -5.55 6.54
C ARG A 52 20.49 -4.21 7.25
N THR A 53 20.81 -3.16 6.49
CA THR A 53 21.04 -1.83 7.04
C THR A 53 19.79 -1.32 7.76
N LEU A 54 18.60 -1.61 7.23
CA LEU A 54 17.36 -1.18 7.86
C LEU A 54 16.93 -2.08 9.04
N GLY A 55 17.48 -3.28 9.15
CA GLY A 55 17.08 -4.25 10.17
C GLY A 55 15.73 -4.88 9.83
N LEU A 56 15.44 -4.95 8.54
CA LEU A 56 14.17 -5.45 8.01
C LEU A 56 14.28 -6.92 7.57
N ARG A 57 13.56 -7.81 8.25
CA ARG A 57 13.59 -9.23 7.92
C ARG A 57 12.45 -9.71 7.01
N GLU A 58 11.33 -8.96 6.92
CA GLU A 58 10.21 -9.35 6.04
C GLU A 58 10.48 -8.77 4.66
N THR A 59 11.56 -9.24 4.04
CA THR A 59 12.03 -8.69 2.77
C THR A 59 11.12 -8.98 1.61
N TRP A 60 10.33 -10.06 1.70
CA TRP A 60 9.48 -10.51 0.60
C TRP A 60 8.44 -9.47 0.15
N PHE A 61 8.09 -8.53 1.04
CA PHE A 61 7.11 -7.50 0.64
C PHE A 61 7.72 -6.43 -0.25
N PHE A 62 9.05 -6.26 -0.21
CA PHE A 62 9.70 -5.10 -0.78
C PHE A 62 10.52 -5.30 -2.06
N GLY A 63 10.78 -4.20 -2.72
CA GLY A 63 11.57 -4.15 -3.93
C GLY A 63 12.28 -2.81 -4.08
N LEU A 64 13.13 -2.70 -5.09
CA LEU A 64 13.84 -1.46 -5.36
C LEU A 64 13.34 -1.00 -6.72
N GLN A 65 12.65 0.13 -6.75
CA GLN A 65 12.01 0.66 -7.95
C GLN A 65 12.81 1.81 -8.59
N TYR A 66 12.72 1.94 -9.91
CA TYR A 66 13.37 3.04 -10.64
C TYR A 66 12.50 3.46 -11.83
N THR A 67 12.70 4.66 -12.37
CA THR A 67 11.90 5.14 -13.50
C THR A 67 12.79 5.65 -14.64
N ILE A 68 12.57 5.15 -15.86
CA ILE A 68 13.33 5.58 -17.03
C ILE A 68 12.42 5.80 -18.24
N LYS A 69 12.41 7.03 -18.77
CA LYS A 69 11.62 7.44 -19.93
C LYS A 69 10.13 7.11 -19.77
N ASP A 70 9.54 7.50 -18.62
CA ASP A 70 8.13 7.27 -18.28
C ASP A 70 7.76 5.79 -18.22
N THR A 71 8.49 5.01 -17.40
CA THR A 71 8.23 3.58 -17.25
C THR A 71 8.65 3.10 -15.87
N VAL A 72 7.69 2.60 -15.08
CA VAL A 72 7.96 2.10 -13.73
C VAL A 72 8.51 0.68 -13.78
N ALA A 73 9.69 0.44 -13.19
CA ALA A 73 10.30 -0.89 -13.20
C ALA A 73 10.97 -1.27 -11.88
N TRP A 74 11.10 -2.59 -11.62
CA TRP A 74 11.75 -3.08 -10.40
C TRP A 74 13.11 -3.68 -10.72
N LEU A 75 14.05 -3.53 -9.79
CA LEU A 75 15.39 -4.09 -9.91
C LEU A 75 15.28 -5.61 -9.88
N LYS A 76 15.75 -6.28 -10.95
CA LYS A 76 15.69 -7.74 -11.01
C LYS A 76 16.79 -8.30 -10.13
N MET A 77 16.45 -9.29 -9.29
CA MET A 77 17.42 -9.89 -8.37
C MET A 77 18.51 -10.67 -9.09
N ASP A 78 18.16 -11.36 -10.20
CA ASP A 78 19.13 -12.17 -10.96
C ASP A 78 19.84 -11.41 -12.08
N LYS A 79 19.91 -10.09 -12.01
CA LYS A 79 20.58 -9.27 -13.01
C LYS A 79 21.56 -8.29 -12.37
N LYS A 80 22.65 -7.94 -13.06
CA LYS A 80 23.63 -6.98 -12.54
C LYS A 80 22.98 -5.61 -12.43
N VAL A 81 23.26 -4.88 -11.34
CA VAL A 81 22.69 -3.56 -11.10
C VAL A 81 22.95 -2.59 -12.26
N LEU A 82 24.21 -2.50 -12.70
CA LEU A 82 24.63 -1.62 -13.79
C LEU A 82 24.08 -2.01 -15.17
N ASP A 83 23.77 -3.30 -15.37
CA ASP A 83 23.23 -3.78 -16.65
C ASP A 83 21.77 -3.38 -16.90
N HIS A 84 21.06 -2.93 -15.86
CA HIS A 84 19.66 -2.50 -15.96
C HIS A 84 19.49 -1.24 -16.83
N ASP A 85 18.27 -1.00 -17.33
CA ASP A 85 17.99 0.17 -18.18
C ASP A 85 17.95 1.50 -17.41
N VAL A 86 18.47 1.53 -16.17
CA VAL A 86 18.49 2.75 -15.36
C VAL A 86 19.51 3.76 -15.94
N SER A 87 19.28 5.06 -15.72
CA SER A 87 20.14 6.13 -16.21
C SER A 87 21.55 6.04 -15.63
N LYS A 88 22.56 6.43 -16.42
CA LYS A 88 23.94 6.41 -15.95
C LYS A 88 24.35 7.69 -15.24
N GLU A 89 23.40 8.29 -14.50
CA GLU A 89 23.61 9.51 -13.71
C GLU A 89 24.55 9.16 -12.54
N GLU A 90 25.40 10.12 -12.11
CA GLU A 90 26.35 9.92 -11.01
C GLU A 90 25.72 9.22 -9.78
N PRO A 91 24.63 9.73 -9.17
CA PRO A 91 24.01 9.00 -8.06
C PRO A 91 22.87 8.12 -8.60
N VAL A 92 23.16 6.86 -8.96
CA VAL A 92 22.14 5.90 -9.46
C VAL A 92 21.12 5.69 -8.34
N THR A 93 19.85 6.01 -8.60
CA THR A 93 18.84 6.01 -7.54
C THR A 93 17.72 4.98 -7.67
N PHE A 94 17.38 4.37 -6.53
CA PHE A 94 16.27 3.43 -6.43
C PHE A 94 15.41 3.81 -5.23
N HIS A 95 14.12 3.53 -5.33
CA HIS A 95 13.17 3.77 -4.26
C HIS A 95 12.79 2.44 -3.64
N PHE A 96 13.08 2.29 -2.35
CA PHE A 96 12.75 1.07 -1.63
C PHE A 96 11.26 1.19 -1.29
N LEU A 97 10.44 0.30 -1.85
CA LEU A 97 9.00 0.36 -1.66
C LEU A 97 8.40 -1.05 -1.54
N ALA A 98 7.22 -1.13 -0.91
CA ALA A 98 6.48 -2.39 -0.85
C ALA A 98 5.91 -2.64 -2.24
N LYS A 99 6.19 -3.82 -2.76
CA LYS A 99 5.72 -4.36 -4.02
C LYS A 99 4.49 -5.27 -3.81
N PHE A 100 4.38 -5.88 -2.60
CA PHE A 100 3.28 -6.78 -2.26
C PHE A 100 2.67 -6.30 -0.95
N TYR A 101 1.37 -6.56 -0.78
CA TYR A 101 0.64 -6.06 0.37
C TYR A 101 -0.05 -7.22 1.06
N PRO A 102 -0.06 -7.24 2.39
CA PRO A 102 -0.83 -8.26 3.08
C PRO A 102 -2.33 -8.05 2.89
N GLU A 103 -3.14 -9.10 3.08
CA GLU A 103 -4.59 -8.94 3.07
C GLU A 103 -5.03 -8.25 4.37
N ASN A 104 -4.43 -8.66 5.49
CA ASN A 104 -4.75 -8.06 6.79
C ASN A 104 -3.42 -7.75 7.48
N ALA A 105 -3.02 -6.49 7.42
CA ALA A 105 -1.73 -6.07 7.98
C ALA A 105 -1.62 -6.36 9.48
N GLU A 106 -2.75 -6.30 10.17
CA GLU A 106 -2.80 -6.52 11.64
C GLU A 106 -2.56 -8.00 12.00
N GLU A 107 -2.77 -8.91 11.06
CA GLU A 107 -2.53 -10.34 11.26
C GLU A 107 -1.17 -10.76 10.68
N GLU A 108 -0.57 -10.00 9.71
CA GLU A 108 0.61 -10.46 9.00
CA GLU A 108 0.60 -10.44 8.96
C GLU A 108 1.91 -9.71 9.22
N LEU A 109 1.89 -8.36 9.34
CA LEU A 109 3.12 -7.59 9.50
C LEU A 109 3.69 -7.73 10.91
N VAL A 110 4.87 -8.34 11.00
CA VAL A 110 5.46 -8.66 12.30
C VAL A 110 6.33 -7.54 12.90
N GLN A 111 7.29 -7.01 12.14
CA GLN A 111 8.22 -6.02 12.68
C GLN A 111 7.68 -4.62 12.66
N GLU A 112 8.05 -3.82 13.67
CA GLU A 112 7.63 -2.42 13.74
C GLU A 112 8.14 -1.66 12.53
N ILE A 113 9.37 -1.95 12.07
CA ILE A 113 9.93 -1.24 10.90
C ILE A 113 9.06 -1.48 9.64
N THR A 114 8.65 -2.71 9.42
CA THR A 114 7.81 -3.05 8.26
C THR A 114 6.45 -2.38 8.38
N GLN A 115 5.84 -2.44 9.58
CA GLN A 115 4.54 -1.79 9.80
C GLN A 115 4.64 -0.28 9.50
N HIS A 116 5.73 0.35 9.95
CA HIS A 116 5.91 1.80 9.75
C HIS A 116 6.13 2.17 8.29
N LEU A 117 6.95 1.37 7.57
CA LEU A 117 7.18 1.64 6.16
C LEU A 117 5.88 1.47 5.35
N PHE A 118 5.04 0.48 5.72
CA PHE A 118 3.76 0.29 5.01
C PHE A 118 2.86 1.49 5.32
N PHE A 119 2.77 1.90 6.60
CA PHE A 119 1.96 3.07 6.98
C PHE A 119 2.37 4.31 6.16
N LEU A 120 3.68 4.60 6.09
CA LEU A 120 4.13 5.78 5.34
C LEU A 120 3.78 5.70 3.87
N GLN A 121 4.00 4.52 3.26
CA GLN A 121 3.76 4.37 1.84
C GLN A 121 2.28 4.50 1.50
N VAL A 122 1.43 3.87 2.32
CA VAL A 122 0.00 3.87 2.07
C VAL A 122 -0.58 5.26 2.32
N LYS A 123 -0.13 5.95 3.39
CA LYS A 123 -0.61 7.32 3.65
C LYS A 123 -0.25 8.24 2.45
N LYS A 124 0.96 8.06 1.91
CA LYS A 124 1.36 8.86 0.72
C LYS A 124 0.46 8.54 -0.48
N GLN A 125 0.09 7.27 -0.69
CA GLN A 125 -0.79 6.89 -1.81
C GLN A 125 -2.16 7.51 -1.66
N ILE A 126 -2.65 7.61 -0.40
CA ILE A 126 -3.95 8.24 -0.18
C ILE A 126 -3.87 9.74 -0.38
N LEU A 127 -2.87 10.40 0.20
CA LEU A 127 -2.77 11.87 0.09
C LEU A 127 -2.47 12.33 -1.33
N ASP A 128 -1.69 11.55 -2.09
N ASP A 128 -1.69 11.53 -2.09
CA ASP A 128 -1.39 11.94 -3.48
CA ASP A 128 -1.35 11.84 -3.51
C ASP A 128 -2.41 11.36 -4.50
C ASP A 128 -2.42 11.37 -4.51
N GLU A 129 -3.50 10.72 -4.01
CA GLU A 129 -4.61 10.20 -4.79
C GLU A 129 -4.24 9.05 -5.71
N LYS A 130 -3.17 8.31 -5.40
N LYS A 130 -3.17 8.32 -5.39
CA LYS A 130 -2.83 7.10 -6.18
CA LYS A 130 -2.79 7.11 -6.13
C LYS A 130 -3.96 6.08 -5.93
C LYS A 130 -3.90 6.06 -5.91
N ILE A 131 -4.51 6.04 -4.70
CA ILE A 131 -5.65 5.21 -4.43
C ILE A 131 -6.78 6.10 -3.94
N TYR A 132 -7.96 5.82 -4.43
CA TYR A 132 -9.14 6.57 -4.06
C TYR A 132 -9.53 6.30 -2.62
N CYS A 133 -10.12 7.32 -1.99
N CYS A 133 -10.14 7.29 -1.97
CA CYS A 133 -10.57 7.21 -0.62
CA CYS A 133 -10.77 7.02 -0.69
C CYS A 133 -11.89 8.01 -0.48
C CYS A 133 -11.94 7.97 -0.52
N PRO A 134 -13.04 7.45 0.01
CA PRO A 134 -14.23 8.31 0.21
C PRO A 134 -13.92 9.43 1.20
N PRO A 135 -14.63 10.56 1.10
CA PRO A 135 -14.32 11.70 1.99
C PRO A 135 -14.36 11.38 3.46
N GLU A 136 -15.37 10.62 3.91
CA GLU A 136 -15.46 10.29 5.33
C GLU A 136 -14.27 9.42 5.80
N ALA A 137 -13.79 8.51 4.93
CA ALA A 137 -12.63 7.70 5.33
C ALA A 137 -11.40 8.60 5.42
N SER A 138 -11.27 9.62 4.55
N SER A 138 -11.26 9.62 4.56
CA SER A 138 -10.09 10.49 4.62
CA SER A 138 -10.10 10.52 4.62
C SER A 138 -10.00 11.21 5.97
C SER A 138 -10.00 11.20 5.98
N VAL A 139 -11.16 11.58 6.54
CA VAL A 139 -11.19 12.27 7.84
C VAL A 139 -10.78 11.31 8.94
N LEU A 140 -11.37 10.10 8.93
CA LEU A 140 -11.01 9.11 9.96
C LEU A 140 -9.55 8.69 9.85
N LEU A 141 -9.03 8.51 8.61
CA LEU A 141 -7.62 8.18 8.43
C LEU A 141 -6.74 9.31 8.97
N ALA A 142 -7.08 10.58 8.64
CA ALA A 142 -6.29 11.73 9.15
C ALA A 142 -6.25 11.73 10.69
N SER A 143 -7.36 11.36 11.32
CA SER A 143 -7.40 11.39 12.79
C SER A 143 -6.44 10.34 13.38
N TYR A 144 -6.27 9.18 12.70
CA TYR A 144 -5.30 8.19 13.19
C TYR A 144 -3.88 8.63 12.85
N ALA A 145 -3.65 9.29 11.68
CA ALA A 145 -2.31 9.79 11.37
C ALA A 145 -1.89 10.87 12.42
N VAL A 146 -2.84 11.71 12.85
CA VAL A 146 -2.55 12.74 13.88
C VAL A 146 -2.23 12.06 15.21
N GLN A 147 -3.02 11.08 15.62
CA GLN A 147 -2.71 10.32 16.86
C GLN A 147 -1.33 9.66 16.78
N ALA A 148 -0.99 9.11 15.61
CA ALA A 148 0.32 8.45 15.43
C ALA A 148 1.45 9.46 15.54
N LYS A 149 1.26 10.69 15.03
CA LYS A 149 2.34 11.68 15.01
C LYS A 149 2.48 12.45 16.31
N TYR A 150 1.34 12.79 16.93
CA TYR A 150 1.34 13.63 18.13
C TYR A 150 1.13 12.93 19.43
N GLY A 151 0.70 11.67 19.39
CA GLY A 151 0.29 10.97 20.61
C GLY A 151 -1.07 11.48 21.05
N ASP A 152 -1.47 11.18 22.28
CA ASP A 152 -2.78 11.59 22.80
C ASP A 152 -3.10 13.05 22.66
N TYR A 153 -4.34 13.35 22.23
CA TYR A 153 -4.85 14.72 22.19
C TYR A 153 -4.84 15.28 23.62
N ASP A 154 -4.34 16.48 23.78
CA ASP A 154 -4.29 17.14 25.08
C ASP A 154 -4.72 18.56 24.79
N PRO A 155 -5.86 18.99 25.35
CA PRO A 155 -6.33 20.36 25.06
C PRO A 155 -5.38 21.46 25.55
N SER A 156 -4.46 21.15 26.48
CA SER A 156 -3.46 22.15 26.91
C SER A 156 -2.42 22.40 25.81
N VAL A 157 -2.07 21.34 25.06
CA VAL A 157 -1.05 21.36 24.04
C VAL A 157 -1.60 21.60 22.63
N HIS A 158 -2.65 20.87 22.26
CA HIS A 158 -3.18 20.90 20.91
C HIS A 158 -4.31 21.90 20.79
N LYS A 159 -3.92 23.17 20.71
CA LYS A 159 -4.86 24.27 20.61
C LYS A 159 -5.37 24.43 19.18
N ARG A 160 -6.48 25.16 19.01
CA ARG A 160 -7.03 25.48 17.71
C ARG A 160 -5.95 26.08 16.76
N GLY A 161 -5.83 25.49 15.59
CA GLY A 161 -4.82 25.87 14.62
C GLY A 161 -3.57 25.01 14.68
N PHE A 162 -3.47 24.03 15.62
CA PHE A 162 -2.26 23.20 15.73
C PHE A 162 -1.99 22.36 14.47
N LEU A 163 -3.00 22.09 13.66
CA LEU A 163 -2.84 21.29 12.43
C LEU A 163 -2.75 22.13 11.16
N ALA A 164 -2.68 23.48 11.29
CA ALA A 164 -2.69 24.38 10.13
C ALA A 164 -1.67 24.07 9.05
N GLN A 165 -0.48 23.64 9.45
CA GLN A 165 0.57 23.37 8.48
C GLN A 165 0.66 21.90 8.04
N GLU A 166 -0.18 21.02 8.59
CA GLU A 166 -0.16 19.61 8.23
C GLU A 166 -0.89 19.31 6.94
N GLU A 167 -0.37 18.36 6.15
CA GLU A 167 -1.07 17.88 4.95
C GLU A 167 -1.88 16.70 5.47
N LEU A 168 -3.20 16.89 5.63
CA LEU A 168 -4.06 15.88 6.27
C LEU A 168 -4.98 15.14 5.33
N LEU A 169 -5.46 15.82 4.26
CA LEU A 169 -6.46 15.22 3.39
C LEU A 169 -6.05 15.31 1.93
N PRO A 170 -6.57 14.39 1.09
CA PRO A 170 -6.33 14.53 -0.36
C PRO A 170 -7.00 15.82 -0.86
N LYS A 171 -6.38 16.47 -1.86
N LYS A 171 -6.38 16.48 -1.85
CA LYS A 171 -6.95 17.69 -2.46
CA LYS A 171 -6.96 17.70 -2.42
C LYS A 171 -8.33 17.43 -3.02
C LYS A 171 -8.33 17.44 -3.04
N ARG A 172 -8.56 16.23 -3.59
CA ARG A 172 -9.88 15.83 -4.13
C ARG A 172 -11.00 16.04 -3.07
N VAL A 173 -10.70 15.64 -1.81
CA VAL A 173 -11.66 15.77 -0.74
C VAL A 173 -11.91 17.20 -0.36
N ILE A 174 -10.83 18.00 -0.19
CA ILE A 174 -10.98 19.43 0.11
C ILE A 174 -11.84 20.12 -0.96
N ASN A 175 -11.60 19.76 -2.25
CA ASN A 175 -12.31 20.38 -3.38
C ASN A 175 -13.74 19.96 -3.55
N LEU A 176 -14.23 18.96 -2.78
CA LEU A 176 -15.62 18.49 -2.87
C LEU A 176 -16.56 19.22 -1.85
N TYR A 177 -15.98 20.00 -0.92
CA TYR A 177 -16.77 20.64 0.12
C TYR A 177 -16.46 22.12 0.26
N GLN A 178 -17.44 22.87 0.76
CA GLN A 178 -17.39 24.28 1.09
C GLN A 178 -17.13 24.38 2.58
N MET A 179 -15.93 24.01 2.97
CA MET A 179 -15.50 24.07 4.36
C MET A 179 -14.13 24.70 4.39
N THR A 180 -13.87 25.46 5.45
CA THR A 180 -12.60 26.12 5.66
C THR A 180 -11.57 25.10 6.20
N PRO A 181 -10.27 25.45 6.18
CA PRO A 181 -9.27 24.58 6.80
C PRO A 181 -9.56 24.36 8.28
N GLU A 182 -10.03 25.41 9.00
CA GLU A 182 -10.36 25.30 10.42
CA GLU A 182 -10.36 25.32 10.41
C GLU A 182 -11.49 24.31 10.67
N MET A 183 -12.51 24.29 9.77
CA MET A 183 -13.62 23.34 9.92
C MET A 183 -13.14 21.91 9.71
N TRP A 184 -12.24 21.68 8.75
CA TRP A 184 -11.67 20.33 8.56
C TRP A 184 -10.87 19.91 9.79
N GLU A 185 -10.05 20.82 10.33
N GLU A 185 -10.03 20.82 10.34
CA GLU A 185 -9.24 20.54 11.51
CA GLU A 185 -9.25 20.51 11.54
C GLU A 185 -10.14 20.18 12.69
C GLU A 185 -10.14 20.17 12.71
N GLU A 186 -11.26 20.88 12.85
CA GLU A 186 -12.20 20.63 13.93
C GLU A 186 -12.80 19.22 13.84
N ARG A 187 -13.21 18.81 12.63
CA ARG A 187 -13.78 17.48 12.43
CA ARG A 187 -13.77 17.47 12.44
C ARG A 187 -12.74 16.40 12.71
N ILE A 188 -11.51 16.61 12.23
CA ILE A 188 -10.44 15.64 12.45
C ILE A 188 -10.13 15.55 13.96
N THR A 189 -10.13 16.71 14.66
CA THR A 189 -9.80 16.75 16.07
C THR A 189 -10.83 16.01 16.91
N VAL A 190 -12.12 16.07 16.51
CA VAL A 190 -13.17 15.33 17.24
C VAL A 190 -12.81 13.82 17.32
N TRP A 191 -12.40 13.27 16.15
CA TRP A 191 -12.05 11.86 16.12
C TRP A 191 -10.69 11.55 16.73
N TYR A 192 -9.76 12.49 16.62
CA TYR A 192 -8.44 12.36 17.25
C TYR A 192 -8.63 12.21 18.79
N ALA A 193 -9.52 13.04 19.35
CA ALA A 193 -9.79 12.96 20.80
C ALA A 193 -10.35 11.59 21.20
N GLU A 194 -11.03 10.87 20.29
CA GLU A 194 -11.53 9.51 20.60
C GLU A 194 -10.43 8.46 20.61
N HIS A 195 -9.25 8.75 20.05
CA HIS A 195 -8.16 7.76 19.97
C HIS A 195 -7.27 7.73 21.16
N ARG A 196 -7.66 8.38 22.27
CA ARG A 196 -6.83 8.36 23.48
C ARG A 196 -6.40 6.95 23.90
N GLY A 197 -5.10 6.77 24.10
CA GLY A 197 -4.57 5.50 24.54
C GLY A 197 -3.85 4.70 23.46
N ARG A 198 -3.94 5.12 22.19
CA ARG A 198 -3.28 4.36 21.13
C ARG A 198 -1.84 4.79 20.98
N ALA A 199 -0.89 3.85 21.21
CA ALA A 199 0.53 4.13 20.97
C ALA A 199 0.74 4.30 19.45
N ARG A 200 1.89 4.83 19.01
CA ARG A 200 2.15 5.05 17.58
C ARG A 200 1.91 3.83 16.70
N ASP A 201 2.45 2.68 17.11
CA ASP A 201 2.25 1.48 16.31
C ASP A 201 0.79 1.09 16.22
N GLU A 202 0.04 1.26 17.31
CA GLU A 202 -1.38 0.94 17.34
C GLU A 202 -2.17 1.89 16.42
N ALA A 203 -1.83 3.18 16.43
CA ALA A 203 -2.53 4.16 15.60
C ALA A 203 -2.21 3.93 14.11
N GLU A 204 -0.93 3.66 13.81
CA GLU A 204 -0.54 3.41 12.42
C GLU A 204 -1.19 2.12 11.90
N MET A 205 -1.35 1.11 12.78
CA MET A 205 -1.98 -0.15 12.36
C MET A 205 -3.48 0.09 12.16
N GLU A 206 -4.13 0.95 12.98
CA GLU A 206 -5.56 1.23 12.75
C GLU A 206 -5.75 1.96 11.43
N TYR A 207 -4.78 2.81 11.06
CA TYR A 207 -4.78 3.52 9.77
C TYR A 207 -4.72 2.45 8.66
N LEU A 208 -3.78 1.51 8.75
CA LEU A 208 -3.68 0.43 7.74
C LEU A 208 -4.94 -0.42 7.70
N LYS A 209 -5.56 -0.71 8.87
CA LYS A 209 -6.78 -1.54 8.88
C LYS A 209 -7.93 -0.87 8.11
N ILE A 210 -7.98 0.47 8.14
CA ILE A 210 -9.02 1.17 7.39
C ILE A 210 -8.60 1.21 5.92
N ALA A 211 -7.36 1.61 5.66
CA ALA A 211 -6.89 1.73 4.28
C ALA A 211 -6.95 0.44 3.49
N GLN A 212 -6.66 -0.71 4.16
CA GLN A 212 -6.62 -1.98 3.42
C GLN A 212 -7.99 -2.45 2.94
N ASP A 213 -9.07 -1.81 3.38
CA ASP A 213 -10.41 -2.16 2.89
C ASP A 213 -10.86 -1.27 1.71
N LEU A 214 -10.03 -0.28 1.31
CA LEU A 214 -10.35 0.59 0.17
C LEU A 214 -10.28 -0.27 -1.09
N GLU A 215 -11.18 0.02 -2.06
CA GLU A 215 -11.23 -0.81 -3.25
C GLU A 215 -9.92 -0.86 -4.06
N MET A 216 -9.18 0.25 -4.10
CA MET A 216 -7.96 0.31 -4.91
C MET A 216 -6.70 -0.10 -4.16
N TYR A 217 -6.82 -0.39 -2.84
CA TYR A 217 -5.66 -0.69 -2.03
C TYR A 217 -4.87 -1.88 -2.55
N GLY A 218 -3.59 -1.65 -2.81
CA GLY A 218 -2.68 -2.72 -3.25
C GLY A 218 -2.89 -3.24 -4.65
N VAL A 219 -3.75 -2.58 -5.44
CA VAL A 219 -4.06 -3.12 -6.77
C VAL A 219 -3.10 -2.61 -7.81
N ASN A 220 -2.50 -3.55 -8.59
CA ASN A 220 -1.61 -3.18 -9.68
C ASN A 220 -2.46 -3.20 -10.95
N TYR A 221 -2.65 -2.04 -11.62
CA TYR A 221 -3.48 -1.96 -12.82
C TYR A 221 -2.66 -2.00 -14.11
N PHE A 222 -3.16 -2.69 -15.10
CA PHE A 222 -2.52 -2.82 -16.41
C PHE A 222 -3.55 -2.67 -17.51
N ALA A 223 -3.17 -1.99 -18.60
CA ALA A 223 -4.06 -1.82 -19.74
C ALA A 223 -4.08 -3.12 -20.57
N ILE A 224 -5.26 -3.63 -20.81
CA ILE A 224 -5.45 -4.86 -21.59
C ILE A 224 -6.63 -4.67 -22.59
N ARG A 225 -6.81 -5.67 -23.48
CA ARG A 225 -7.96 -5.72 -24.35
C ARG A 225 -8.50 -7.11 -24.31
N ASN A 226 -9.83 -7.24 -24.37
CA ASN A 226 -10.42 -8.56 -24.51
C ASN A 226 -10.28 -9.01 -25.98
N LYS A 227 -10.77 -10.22 -26.31
CA LYS A 227 -10.62 -10.75 -27.66
C LYS A 227 -11.41 -9.97 -28.71
N LYS A 228 -12.42 -9.20 -28.30
CA LYS A 228 -13.17 -8.33 -29.23
C LYS A 228 -12.54 -6.92 -29.35
N GLY A 229 -11.37 -6.72 -28.75
CA GLY A 229 -10.66 -5.45 -28.79
C GLY A 229 -11.05 -4.45 -27.72
N THR A 230 -12.05 -4.77 -26.89
CA THR A 230 -12.50 -3.83 -25.85
C THR A 230 -11.41 -3.47 -24.85
N GLU A 231 -11.14 -2.18 -24.66
CA GLU A 231 -10.13 -1.74 -23.69
C GLU A 231 -10.63 -1.96 -22.29
N LEU A 232 -9.84 -2.66 -21.50
CA LEU A 232 -10.19 -2.95 -20.10
C LEU A 232 -8.92 -2.78 -19.24
N LEU A 233 -9.06 -2.98 -17.91
CA LEU A 233 -7.90 -3.00 -17.04
C LEU A 233 -7.86 -4.32 -16.31
N LEU A 234 -6.67 -4.85 -16.15
CA LEU A 234 -6.41 -6.00 -15.29
C LEU A 234 -5.92 -5.43 -13.98
N GLY A 235 -6.45 -5.93 -12.87
CA GLY A 235 -5.93 -5.60 -11.56
C GLY A 235 -5.36 -6.87 -10.94
N VAL A 236 -4.09 -6.83 -10.56
CA VAL A 236 -3.43 -7.93 -9.87
C VAL A 236 -3.25 -7.49 -8.42
N ASP A 237 -3.77 -8.28 -7.45
CA ASP A 237 -3.64 -7.87 -6.06
C ASP A 237 -3.52 -9.09 -5.17
N ALA A 238 -3.48 -8.84 -3.85
CA ALA A 238 -3.33 -9.88 -2.86
C ALA A 238 -4.51 -10.90 -2.89
N LEU A 239 -5.70 -10.47 -3.34
CA LEU A 239 -6.89 -11.31 -3.37
C LEU A 239 -7.00 -12.19 -4.61
N GLY A 240 -6.54 -11.70 -5.75
CA GLY A 240 -6.68 -12.45 -6.99
C GLY A 240 -6.52 -11.54 -8.18
N LEU A 241 -7.20 -11.90 -9.27
CA LEU A 241 -7.18 -11.10 -10.51
C LEU A 241 -8.55 -10.48 -10.69
N HIS A 242 -8.58 -9.28 -11.25
CA HIS A 242 -9.83 -8.55 -11.39
C HIS A 242 -9.84 -7.86 -12.75
N ILE A 243 -11.02 -7.77 -13.38
CA ILE A 243 -11.10 -7.10 -14.69
C ILE A 243 -12.00 -5.88 -14.48
N TYR A 244 -11.58 -4.72 -14.97
CA TYR A 244 -12.35 -3.50 -14.77
C TYR A 244 -12.64 -2.81 -16.08
N ASP A 245 -13.71 -2.01 -16.11
CA ASP A 245 -13.90 -1.06 -17.20
C ASP A 245 -12.88 0.06 -16.90
N PRO A 246 -12.23 0.67 -17.92
CA PRO A 246 -11.17 1.65 -17.62
C PRO A 246 -11.62 2.88 -16.83
N GLU A 247 -12.91 3.20 -16.90
CA GLU A 247 -13.44 4.39 -16.21
C GLU A 247 -13.83 4.11 -14.75
N ASN A 248 -13.71 2.85 -14.30
CA ASN A 248 -14.09 2.53 -12.93
C ASN A 248 -13.11 1.55 -12.33
N ARG A 249 -12.12 2.06 -11.63
CA ARG A 249 -11.11 1.23 -10.95
C ARG A 249 -11.55 0.75 -9.56
N LEU A 250 -12.78 1.05 -9.15
CA LEU A 250 -13.25 0.64 -7.83
C LEU A 250 -13.97 -0.69 -7.82
N THR A 251 -14.82 -0.94 -8.84
CA THR A 251 -15.65 -2.11 -8.86
C THR A 251 -15.35 -2.99 -10.05
N PRO A 252 -14.70 -4.14 -9.83
CA PRO A 252 -14.43 -5.03 -10.98
C PRO A 252 -15.72 -5.53 -11.64
N LYS A 253 -15.64 -5.75 -12.96
CA LYS A 253 -16.70 -6.39 -13.73
C LYS A 253 -16.72 -7.89 -13.37
N ILE A 254 -15.52 -8.49 -13.17
CA ILE A 254 -15.38 -9.88 -12.76
C ILE A 254 -14.10 -10.02 -11.93
N SER A 255 -14.18 -10.89 -10.93
CA SER A 255 -13.04 -11.20 -10.08
C SER A 255 -12.77 -12.69 -10.05
N PHE A 256 -11.48 -13.05 -9.94
CA PHE A 256 -11.00 -14.40 -9.85
C PHE A 256 -10.10 -14.49 -8.64
N PRO A 257 -10.66 -14.86 -7.48
CA PRO A 257 -9.82 -15.05 -6.28
C PRO A 257 -8.73 -16.08 -6.53
N TRP A 258 -7.54 -15.94 -5.89
CA TRP A 258 -6.42 -16.87 -6.16
C TRP A 258 -6.78 -18.34 -6.02
N ASN A 259 -7.55 -18.68 -4.97
CA ASN A 259 -7.92 -20.07 -4.77
C ASN A 259 -9.07 -20.56 -5.67
N GLU A 260 -9.56 -19.70 -6.58
CA GLU A 260 -10.57 -20.10 -7.55
C GLU A 260 -9.99 -20.21 -8.97
N ILE A 261 -8.65 -20.03 -9.14
CA ILE A 261 -7.99 -20.11 -10.44
C ILE A 261 -7.34 -21.47 -10.59
N ARG A 262 -7.72 -22.20 -11.63
CA ARG A 262 -7.11 -23.48 -11.89
C ARG A 262 -5.75 -23.29 -12.51
N ASN A 263 -5.67 -22.41 -13.52
CA ASN A 263 -4.46 -22.19 -14.26
C ASN A 263 -4.44 -20.80 -14.87
N ILE A 264 -3.23 -20.24 -15.03
CA ILE A 264 -3.00 -19.02 -15.81
C ILE A 264 -2.02 -19.41 -16.91
N SER A 265 -2.37 -19.17 -18.17
CA SER A 265 -1.48 -19.49 -19.29
C SER A 265 -1.09 -18.21 -19.97
N TYR A 266 0.11 -18.15 -20.54
CA TYR A 266 0.55 -16.98 -21.29
C TYR A 266 1.26 -17.47 -22.55
N SER A 267 0.92 -16.88 -23.69
CA SER A 267 1.52 -17.21 -24.98
C SER A 267 1.28 -16.06 -25.93
N ASP A 268 2.36 -15.56 -26.54
CA ASP A 268 2.34 -14.52 -27.57
C ASP A 268 1.38 -13.36 -27.28
N LYS A 269 1.61 -12.67 -26.15
CA LYS A 269 0.84 -11.51 -25.66
C LYS A 269 -0.56 -11.84 -25.16
N GLU A 270 -0.95 -13.11 -25.11
CA GLU A 270 -2.29 -13.49 -24.66
C GLU A 270 -2.23 -14.25 -23.34
N PHE A 271 -3.01 -13.78 -22.37
CA PHE A 271 -3.19 -14.45 -21.08
C PHE A 271 -4.53 -15.17 -21.08
N THR A 272 -4.61 -16.34 -20.43
CA THR A 272 -5.85 -17.06 -20.29
C THR A 272 -6.02 -17.40 -18.82
N ILE A 273 -7.13 -16.98 -18.21
CA ILE A 273 -7.41 -17.31 -16.82
C ILE A 273 -8.44 -18.42 -16.86
N LYS A 274 -8.09 -19.58 -16.31
CA LYS A 274 -9.00 -20.73 -16.32
C LYS A 274 -9.54 -20.98 -14.92
N PRO A 275 -10.81 -20.68 -14.67
CA PRO A 275 -11.36 -20.89 -13.33
C PRO A 275 -11.47 -22.36 -12.94
N LEU A 276 -11.43 -22.65 -11.64
CA LEU A 276 -11.65 -24.03 -11.17
C LEU A 276 -13.15 -24.38 -11.35
N ASP A 277 -14.06 -23.39 -11.25
CA ASP A 277 -15.49 -23.60 -11.45
C ASP A 277 -15.81 -23.64 -12.95
N LYS A 278 -16.18 -24.83 -13.47
CA LYS A 278 -16.54 -25.04 -14.89
C LYS A 278 -17.68 -24.14 -15.38
N LYS A 279 -18.54 -23.68 -14.46
CA LYS A 279 -19.65 -22.80 -14.83
C LYS A 279 -19.22 -21.36 -15.12
N ILE A 280 -17.97 -20.99 -14.79
CA ILE A 280 -17.42 -19.68 -15.06
C ILE A 280 -16.58 -19.82 -16.33
N ASP A 281 -16.83 -18.97 -17.31
CA ASP A 281 -16.11 -19.02 -18.57
C ASP A 281 -14.62 -18.70 -18.39
N VAL A 282 -13.79 -19.31 -19.23
CA VAL A 282 -12.36 -18.99 -19.31
C VAL A 282 -12.27 -17.54 -19.82
N PHE A 283 -11.34 -16.75 -19.27
CA PHE A 283 -11.21 -15.36 -19.67
C PHE A 283 -9.87 -15.12 -20.34
N LYS A 284 -9.91 -14.69 -21.61
CA LYS A 284 -8.70 -14.43 -22.35
C LYS A 284 -8.55 -12.92 -22.61
N PHE A 285 -7.32 -12.43 -22.56
CA PHE A 285 -7.06 -11.01 -22.85
C PHE A 285 -5.65 -10.83 -23.37
N ASN A 286 -5.40 -9.70 -24.02
CA ASN A 286 -4.08 -9.35 -24.54
C ASN A 286 -3.51 -8.13 -23.84
N SER A 287 -2.18 -8.09 -23.78
CA SER A 287 -1.41 -6.98 -23.22
C SER A 287 -0.24 -6.75 -24.21
N SER A 288 -0.08 -5.50 -24.69
N SER A 288 -0.10 -5.51 -24.71
CA SER A 288 0.84 -5.17 -25.77
CA SER A 288 0.86 -5.20 -25.78
C SER A 288 2.35 -5.15 -25.49
C SER A 288 2.36 -5.27 -25.48
N LYS A 289 2.81 -4.91 -24.26
CA LYS A 289 4.24 -4.84 -23.99
C LYS A 289 4.83 -6.07 -23.33
N LEU A 290 5.84 -6.69 -23.95
CA LEU A 290 6.48 -7.88 -23.40
C LEU A 290 7.05 -7.66 -22.01
N ARG A 291 7.71 -6.53 -21.77
CA ARG A 291 8.31 -6.22 -20.45
C ARG A 291 7.20 -6.13 -19.38
N VAL A 292 6.04 -5.54 -19.75
CA VAL A 292 4.93 -5.45 -18.81
C VAL A 292 4.34 -6.84 -18.56
N ASN A 293 4.24 -7.67 -19.60
CA ASN A 293 3.70 -9.03 -19.44
C ASN A 293 4.52 -9.88 -18.50
N LYS A 294 5.84 -9.70 -18.53
CA LYS A 294 6.72 -10.43 -17.59
C LYS A 294 6.43 -9.95 -16.16
N LEU A 295 6.21 -8.64 -15.97
CA LEU A 295 5.89 -8.07 -14.65
C LEU A 295 4.54 -8.62 -14.17
N ILE A 296 3.51 -8.63 -15.04
CA ILE A 296 2.19 -9.19 -14.67
C ILE A 296 2.35 -10.64 -14.16
N LEU A 297 3.10 -11.46 -14.91
CA LEU A 297 3.30 -12.87 -14.50
C LEU A 297 4.03 -12.95 -13.19
N GLN A 298 5.07 -12.12 -12.98
CA GLN A 298 5.78 -12.12 -11.69
C GLN A 298 4.87 -11.74 -10.54
N LEU A 299 4.01 -10.72 -10.75
CA LEU A 299 3.08 -10.33 -9.68
C LEU A 299 2.05 -11.41 -9.44
N CYS A 300 1.63 -12.17 -10.49
CA CYS A 300 0.65 -13.24 -10.28
C CYS A 300 1.27 -14.32 -9.42
N ILE A 301 2.47 -14.79 -9.80
CA ILE A 301 3.09 -15.91 -9.09
C ILE A 301 3.30 -15.57 -7.61
N GLU A 302 3.93 -14.41 -7.32
CA GLU A 302 4.24 -14.08 -5.94
CA GLU A 302 4.24 -14.07 -5.95
C GLU A 302 2.99 -13.73 -5.13
N ASN A 303 1.97 -13.05 -5.75
CA ASN A 303 0.75 -12.80 -4.97
C ASN A 303 0.06 -14.13 -4.67
N HIS A 304 0.07 -15.07 -5.63
CA HIS A 304 -0.58 -16.36 -5.36
C HIS A 304 0.18 -17.11 -4.28
N ASP A 305 1.50 -17.06 -4.29
CA ASP A 305 2.32 -17.74 -3.27
C ASP A 305 2.01 -17.14 -1.89
N LEU A 306 2.00 -15.78 -1.78
CA LEU A 306 1.72 -15.11 -0.51
C LEU A 306 0.31 -15.41 0.00
N PHE A 307 -0.66 -15.54 -0.91
CA PHE A 307 -2.05 -15.90 -0.58
C PHE A 307 -2.08 -17.27 0.10
N MET A 308 -1.35 -18.23 -0.46
CA MET A 308 -1.31 -19.58 0.13
C MET A 308 -0.58 -19.52 1.47
N ARG A 309 0.56 -18.82 1.52
CA ARG A 309 1.37 -18.78 2.75
C ARG A 309 0.62 -18.25 3.95
N ARG A 310 -0.17 -17.19 3.78
CA ARG A 310 -0.89 -16.60 4.93
C ARG A 310 -2.07 -17.47 5.42
N ARG A 311 -2.42 -18.50 4.66
CA ARG A 311 -3.48 -19.43 5.02
C ARG A 311 -2.97 -20.71 5.69
N LYS A 312 -1.65 -20.83 5.85
CA LYS A 312 -1.03 -21.98 6.51
C LYS A 312 -0.38 -21.51 7.81
N ALA A 313 -0.14 -22.45 8.74
CA ALA A 313 0.49 -22.09 10.03
C ALA A 313 1.84 -21.39 9.82
N ASP A 314 2.21 -20.47 10.74
CA ASP A 314 3.47 -19.76 10.64
C ASP A 314 4.66 -20.71 10.54
N SER A 315 5.62 -20.38 9.70
CA SER A 315 6.87 -21.12 9.63
C SER A 315 7.64 -20.89 10.95
N LEU A 316 8.65 -21.73 11.25
CA LEU A 316 9.43 -21.54 12.48
C LEU A 316 10.14 -20.15 12.45
N GLU A 317 10.56 -19.69 11.26
CA GLU A 317 11.20 -18.40 11.06
C GLU A 317 10.24 -17.25 11.47
N VAL A 318 8.96 -17.37 11.07
CA VAL A 318 7.97 -16.35 11.41
C VAL A 318 7.67 -16.40 12.90
N GLN A 319 7.54 -17.61 13.46
CA GLN A 319 7.28 -17.78 14.89
C GLN A 319 8.37 -17.09 15.74
N GLN A 320 9.64 -17.27 15.34
CA GLN A 320 10.78 -16.66 16.01
C GLN A 320 10.82 -15.15 15.78
N MET A 321 10.45 -14.69 14.58
CA MET A 321 10.42 -13.25 14.30
C MET A 321 9.39 -12.57 15.19
N LYS A 322 8.23 -13.21 15.40
CA LYS A 322 7.19 -12.67 16.26
C LYS A 322 7.65 -12.63 17.71
N ALA A 323 8.39 -13.65 18.15
CA ALA A 323 8.89 -13.68 19.54
C ALA A 323 9.89 -12.53 19.74
N GLN A 324 10.76 -12.30 18.74
CA GLN A 324 11.74 -11.23 18.83
CA GLN A 324 11.75 -11.23 18.78
C GLN A 324 11.07 -9.86 18.78
N ALA A 325 10.01 -9.69 17.95
CA ALA A 325 9.29 -8.42 17.89
C ALA A 325 8.59 -8.15 19.23
N ARG A 326 8.09 -9.21 19.89
CA ARG A 326 7.44 -9.09 21.20
C ARG A 326 8.45 -8.62 22.25
N GLU A 327 9.69 -9.14 22.21
CA GLU A 327 10.75 -8.76 23.15
C GLU A 327 11.19 -7.31 22.92
N GLU A 328 11.21 -6.87 21.65
CA GLU A 328 11.57 -5.48 21.32
C GLU A 328 10.50 -4.52 21.83
N LYS A 329 9.22 -4.86 21.60
CA LYS A 329 8.11 -4.03 22.07
C LYS A 329 8.11 -3.92 23.61
N ALA A 330 8.40 -5.03 24.30
CA ALA A 330 8.46 -5.03 25.76
C ALA A 330 9.69 -4.29 26.30
N ARG A 331 10.79 -4.29 25.54
CA ARG A 331 12.03 -3.58 25.91
C ARG A 331 11.77 -2.07 25.86
N LYS A 332 11.07 -1.60 24.81
CA LYS A 332 10.74 -0.20 24.64
C LYS A 332 9.69 0.28 25.64
N GLN A 333 8.75 -0.61 26.02
CA GLN A 333 7.69 -0.29 26.97
C GLN A 333 8.23 -0.11 28.40
N MET A 334 9.31 -0.83 28.74
CA MET A 334 9.94 -0.74 30.06
C MET A 334 10.57 0.65 30.27
N GLU A 335 11.15 1.22 29.20
CA GLU A 335 11.78 2.54 29.25
C GLU A 335 10.74 3.66 29.39
N ARG A 336 9.55 3.48 28.81
CA ARG A 336 8.50 4.49 28.89
C ARG A 336 7.79 4.44 30.24
N GLN A 337 7.60 3.24 30.80
CA GLN A 337 6.93 3.09 32.09
C GLN A 337 7.95 3.06 33.22
N PRO B 1 -17.00 -7.14 7.37
CA PRO B 1 -17.53 -6.04 6.56
C PRO B 1 -16.49 -4.98 6.25
N LYS B 2 -16.77 -4.15 5.24
CA LYS B 2 -15.87 -3.10 4.84
C LYS B 2 -15.73 -2.06 5.95
N PHE B 3 -14.49 -1.67 6.25
CA PHE B 3 -14.12 -0.72 7.30
C PHE B 3 -14.43 -1.23 8.74
N GLY B 4 -14.54 -2.54 8.89
CA GLY B 4 -14.73 -3.23 10.16
C GLY B 4 -15.52 -2.53 11.23
N THR B 5 -14.87 -2.21 12.35
CA THR B 5 -15.53 -1.60 13.49
C THR B 5 -15.64 -0.09 13.36
N HIS B 6 -15.41 0.50 12.15
CA HIS B 6 -15.50 1.96 12.02
C HIS B 6 -16.74 2.46 11.31
N HIS B 7 -17.73 1.58 11.07
CA HIS B 7 -18.92 2.01 10.35
C HIS B 7 -19.66 3.18 11.04
N LYS B 8 -19.82 3.11 12.35
CA LYS B 8 -20.58 4.13 13.07
C LYS B 8 -19.93 5.51 12.91
N ALA B 9 -18.59 5.57 13.04
CA ALA B 9 -17.87 6.84 12.92
C ALA B 9 -17.91 7.32 11.47
N LEU B 10 -17.74 6.39 10.50
CA LEU B 10 -17.76 6.82 9.09
C LEU B 10 -19.10 7.42 8.70
N GLN B 11 -20.19 6.79 9.14
CA GLN B 11 -21.54 7.31 8.85
C GLN B 11 -21.74 8.68 9.52
N GLU B 12 -21.31 8.85 10.79
CA GLU B 12 -21.41 10.14 11.47
C GLU B 12 -20.60 11.22 10.73
N ILE B 13 -19.40 10.86 10.24
CA ILE B 13 -18.60 11.82 9.49
C ILE B 13 -19.29 12.20 8.19
N ARG B 14 -19.85 11.20 7.48
CA ARG B 14 -20.62 11.44 6.24
C ARG B 14 -21.74 12.48 6.52
N ASN B 15 -22.45 12.31 7.64
CA ASN B 15 -23.57 13.20 7.99
C ASN B 15 -23.10 14.60 8.30
N SER B 16 -21.94 14.73 8.96
CA SER B 16 -21.39 16.02 9.32
C SER B 16 -20.91 16.82 8.08
N LEU B 17 -20.45 16.12 7.05
CA LEU B 17 -19.94 16.79 5.85
C LEU B 17 -21.03 17.20 4.87
N LEU B 18 -22.10 16.39 4.80
CA LEU B 18 -23.18 16.57 3.83
C LEU B 18 -23.68 18.02 3.63
N PRO B 19 -23.94 18.82 4.69
CA PRO B 19 -24.49 20.18 4.45
C PRO B 19 -23.57 21.09 3.63
N PHE B 20 -22.27 20.75 3.63
CA PHE B 20 -21.27 21.56 2.97
C PHE B 20 -20.83 21.02 1.62
N ALA B 21 -21.48 19.98 1.08
CA ALA B 21 -21.10 19.43 -0.22
C ALA B 21 -21.22 20.51 -1.32
N ASN B 22 -20.32 20.48 -2.30
CA ASN B 22 -20.39 21.44 -3.41
C ASN B 22 -21.62 21.16 -4.28
N GLU B 23 -21.92 19.87 -4.49
CA GLU B 23 -22.97 19.30 -5.34
C GLU B 23 -22.76 19.59 -6.82
#